data_1TZS
#
_entry.id   1TZS
#
_cell.length_a   61.321
_cell.length_b   61.321
_cell.length_c   207.800
_cell.angle_alpha   90.00
_cell.angle_beta   90.00
_cell.angle_gamma   90.00
#
_symmetry.space_group_name_H-M   'P 41 21 2'
#
loop_
_entity.id
_entity.type
_entity.pdbx_description
1 polymer 'Cathepsin E'
2 polymer 'activation peptide from Cathepsin E'
3 polymer '23-mer peptide from PelB-IgG kappa light chain fusion protein'
4 water water
#
loop_
_entity_poly.entity_id
_entity_poly.type
_entity_poly.pdbx_seq_one_letter_code
_entity_poly.pdbx_strand_id
1 'polypeptide(L)'
;IQFTESCSMDQSAKEPLINYLDMEYFGTISIGSPPQNFTVIFDTGSSNLWVPSVYCTSPACKTHSRFQPSQSSTYSQPGQ
SFSIQYGTGSLSGIIGADQVSVEGLTVVGQQFGESVTEPGQTFVDAEFDGILGLGYPSLAVGGVTPVFDNMMAQNLVDLP
MFSVYMSSNPEGGAGSELIFGGYDHSHFSGSLNWVPVTKQAYWQIALDNIQVGGTVMFCSEGCQAIVDTGTSLITGPSDK
IKQLQNAIGAAPVDGEYAVECANLNVMPDVTFTINGVPYTLSPTAYTLLDFVDGMQFCSSGFQGLDIHPPAGPLWILGDV
FIRQFYSVFDRGNNRVGLAPAVPWSHPQFEK
;
A
2 'polypeptide(L)' GSLHRVPLRRHPSLKKKLRARSQLSEFWKSHNLDM P
3 'polypeptide(L)' MKYLLPTAAAGLLLLAAQPAMAM X
#
# COMPACT_ATOMS: atom_id res chain seq x y z
N LYS A 14 -6.18 20.70 -8.12
CA LYS A 14 -5.20 19.79 -7.47
C LYS A 14 -5.45 18.33 -7.84
N GLU A 15 -4.47 17.48 -7.53
CA GLU A 15 -4.54 16.05 -7.81
C GLU A 15 -4.31 15.33 -6.49
N PRO A 16 -5.37 15.22 -5.67
CA PRO A 16 -5.35 14.56 -4.35
C PRO A 16 -4.83 13.13 -4.34
N LEU A 17 -5.06 12.39 -5.42
CA LEU A 17 -4.65 10.99 -5.49
C LEU A 17 -3.52 10.68 -6.46
N ILE A 18 -2.76 11.71 -6.84
CA ILE A 18 -1.67 11.54 -7.79
C ILE A 18 -0.64 10.47 -7.44
N ASN A 19 -0.44 10.20 -6.17
CA ASN A 19 0.53 9.20 -5.74
C ASN A 19 -0.01 7.78 -5.82
N TYR A 20 -1.25 7.65 -6.28
CA TYR A 20 -1.89 6.33 -6.42
C TYR A 20 -2.23 6.05 -7.87
N LEU A 21 -2.02 7.03 -8.75
CA LEU A 21 -2.36 6.87 -10.16
C LEU A 21 -1.40 6.05 -11.00
N ASP A 22 -0.26 5.67 -10.41
CA ASP A 22 0.70 4.87 -11.14
C ASP A 22 0.59 3.40 -10.77
N MET A 23 1.10 2.54 -11.65
CA MET A 23 1.04 1.10 -11.45
C MET A 23 0.75 0.64 -10.03
N GLU A 24 -0.44 0.07 -9.86
CA GLU A 24 -0.86 -0.43 -8.56
C GLU A 24 -1.49 -1.81 -8.73
N TYR A 25 -1.78 -2.44 -7.61
CA TYR A 25 -2.44 -3.73 -7.61
C TYR A 25 -3.82 -3.40 -7.08
N PHE A 26 -4.83 -4.08 -7.59
CA PHE A 26 -6.18 -3.81 -7.12
C PHE A 26 -6.90 -5.06 -6.67
N GLY A 27 -7.90 -4.84 -5.82
CA GLY A 27 -8.71 -5.91 -5.32
C GLY A 27 -10.13 -5.39 -5.36
N THR A 28 -11.09 -6.27 -5.08
CA THR A 28 -12.49 -5.89 -5.10
C THR A 28 -13.12 -6.07 -3.73
N ILE A 29 -14.04 -5.17 -3.40
CA ILE A 29 -14.76 -5.24 -2.13
C ILE A 29 -16.21 -4.89 -2.40
N SER A 30 -17.08 -5.15 -1.43
CA SER A 30 -18.49 -4.84 -1.57
C SER A 30 -19.00 -4.09 -0.35
N ILE A 31 -19.95 -3.20 -0.57
CA ILE A 31 -20.52 -2.43 0.52
C ILE A 31 -22.04 -2.39 0.38
N GLY A 32 -22.75 -2.61 1.48
CA GLY A 32 -24.20 -2.53 1.45
C GLY A 32 -24.96 -3.80 1.10
N SER A 33 -26.28 -3.72 1.22
CA SER A 33 -27.16 -4.85 0.93
C SER A 33 -28.29 -4.34 0.05
N PRO A 34 -28.36 -4.81 -1.21
CA PRO A 34 -27.43 -5.76 -1.83
C PRO A 34 -26.03 -5.17 -2.05
N PRO A 35 -25.01 -6.03 -2.20
CA PRO A 35 -23.63 -5.58 -2.40
C PRO A 35 -23.39 -4.65 -3.58
N GLN A 36 -22.58 -3.62 -3.34
CA GLN A 36 -22.19 -2.65 -4.36
C GLN A 36 -20.69 -2.86 -4.44
N ASN A 37 -20.19 -3.28 -5.61
CA ASN A 37 -18.76 -3.55 -5.77
C ASN A 37 -17.89 -2.34 -6.10
N PHE A 38 -16.67 -2.38 -5.59
CA PHE A 38 -15.71 -1.33 -5.81
C PHE A 38 -14.32 -1.92 -5.97
N THR A 39 -13.52 -1.32 -6.85
CA THR A 39 -12.15 -1.75 -7.06
C THR A 39 -11.38 -0.81 -6.14
N VAL A 40 -10.57 -1.36 -5.24
CA VAL A 40 -9.80 -0.54 -4.31
C VAL A 40 -8.35 -0.95 -4.23
N ILE A 41 -7.55 -0.08 -3.65
CA ILE A 41 -6.14 -0.35 -3.44
C ILE A 41 -5.96 -0.61 -1.95
N PHE A 42 -5.32 -1.73 -1.62
CA PHE A 42 -5.08 -2.05 -0.21
C PHE A 42 -3.79 -1.31 0.12
N ASP A 43 -3.95 -0.28 0.95
CA ASP A 43 -2.86 0.62 1.28
C ASP A 43 -2.40 0.63 2.74
N THR A 44 -1.23 0.05 2.99
CA THR A 44 -0.69 0.00 4.34
C THR A 44 -0.09 1.36 4.68
N GLY A 45 -0.20 2.30 3.73
CA GLY A 45 0.31 3.65 3.91
C GLY A 45 -0.74 4.64 4.37
N SER A 46 -1.96 4.16 4.57
CA SER A 46 -3.07 4.98 5.05
C SER A 46 -3.98 4.06 5.87
N SER A 47 -4.99 4.62 6.53
CA SER A 47 -5.86 3.81 7.37
C SER A 47 -7.37 3.97 7.19
N ASN A 48 -7.80 4.79 6.24
CA ASN A 48 -9.23 4.96 6.03
C ASN A 48 -9.71 4.19 4.80
N LEU A 49 -11.00 3.90 4.80
CA LEU A 49 -11.64 3.25 3.68
C LEU A 49 -12.59 4.30 3.14
N TRP A 50 -12.52 4.55 1.84
CA TRP A 50 -13.41 5.52 1.24
C TRP A 50 -13.65 5.13 -0.20
N VAL A 51 -14.82 5.48 -0.71
CA VAL A 51 -15.17 5.20 -2.09
C VAL A 51 -15.94 6.41 -2.57
N PRO A 52 -16.06 6.57 -3.90
CA PRO A 52 -16.79 7.73 -4.43
C PRO A 52 -18.25 7.70 -4.04
N SER A 53 -18.80 8.86 -3.73
CA SER A 53 -20.21 8.95 -3.38
C SER A 53 -21.00 9.20 -4.65
N VAL A 54 -22.23 8.71 -4.69
CA VAL A 54 -23.08 8.94 -5.85
C VAL A 54 -23.33 10.45 -5.88
N TYR A 55 -23.07 11.12 -4.75
CA TYR A 55 -23.26 12.56 -4.67
C TYR A 55 -22.09 13.35 -5.25
N CYS A 56 -21.02 12.66 -5.63
CA CYS A 56 -19.87 13.31 -6.25
C CYS A 56 -20.29 13.48 -7.71
N THR A 57 -20.48 14.72 -8.15
CA THR A 57 -20.92 14.98 -9.52
C THR A 57 -19.80 15.48 -10.41
N SER A 58 -18.57 15.36 -9.92
CA SER A 58 -17.42 15.77 -10.71
C SER A 58 -17.31 14.86 -11.93
N PRO A 59 -16.83 15.39 -13.06
CA PRO A 59 -16.70 14.57 -14.27
C PRO A 59 -15.82 13.36 -13.99
N ALA A 60 -14.83 13.56 -13.12
CA ALA A 60 -13.89 12.52 -12.73
C ALA A 60 -14.52 11.33 -11.99
N CYS A 61 -15.68 11.56 -11.36
CA CYS A 61 -16.35 10.49 -10.63
C CYS A 61 -17.31 9.69 -11.52
N LYS A 62 -17.75 10.29 -12.64
CA LYS A 62 -18.69 9.65 -13.53
C LYS A 62 -18.24 8.33 -14.12
N THR A 63 -16.93 8.11 -14.21
CA THR A 63 -16.42 6.87 -14.77
C THR A 63 -16.16 5.78 -13.72
N HIS A 64 -16.52 6.05 -12.47
CA HIS A 64 -16.30 5.08 -11.39
C HIS A 64 -17.59 4.56 -10.78
N SER A 65 -17.45 3.49 -10.00
CA SER A 65 -18.58 2.94 -9.27
C SER A 65 -18.74 3.96 -8.14
N ARG A 66 -19.98 4.37 -7.87
CA ARG A 66 -20.24 5.36 -6.83
C ARG A 66 -21.22 4.78 -5.83
N PHE A 67 -20.89 4.88 -4.54
CA PHE A 67 -21.78 4.33 -3.53
C PHE A 67 -23.13 5.03 -3.47
N GLN A 68 -24.19 4.22 -3.49
CA GLN A 68 -25.55 4.72 -3.44
C GLN A 68 -26.21 4.23 -2.14
N PRO A 69 -26.17 5.05 -1.09
CA PRO A 69 -26.73 4.74 0.24
C PRO A 69 -28.19 4.28 0.25
N SER A 70 -29.02 4.93 -0.56
CA SER A 70 -30.45 4.60 -0.61
C SER A 70 -30.75 3.19 -1.11
N GLN A 71 -29.81 2.58 -1.83
CA GLN A 71 -30.02 1.24 -2.36
C GLN A 71 -29.60 0.17 -1.36
N SER A 72 -29.01 0.57 -0.24
CA SER A 72 -28.56 -0.37 0.77
C SER A 72 -29.41 -0.32 2.04
N SER A 73 -30.07 -1.44 2.33
CA SER A 73 -30.91 -1.53 3.52
C SER A 73 -30.15 -1.48 4.84
N THR A 74 -28.87 -1.81 4.81
CA THR A 74 -28.06 -1.83 6.03
C THR A 74 -27.19 -0.60 6.28
N TYR A 75 -27.41 0.44 5.48
CA TYR A 75 -26.65 1.68 5.61
C TYR A 75 -27.19 2.61 6.68
N SER A 76 -26.29 3.31 7.35
CA SER A 76 -26.66 4.30 8.38
C SER A 76 -25.58 5.38 8.39
N GLN A 77 -25.94 6.56 8.85
CA GLN A 77 -25.01 7.69 8.91
C GLN A 77 -24.64 8.07 10.34
N PRO A 78 -23.36 7.95 10.70
CA PRO A 78 -22.91 8.28 12.06
C PRO A 78 -23.16 9.77 12.37
N GLY A 79 -23.11 10.59 11.34
CA GLY A 79 -23.36 12.01 11.52
C GLY A 79 -22.16 12.90 11.23
N GLN A 80 -20.95 12.36 11.39
CA GLN A 80 -19.74 13.11 11.14
C GLN A 80 -19.36 13.17 9.67
N SER A 81 -18.72 14.26 9.26
CA SER A 81 -18.26 14.38 7.88
C SER A 81 -16.78 14.02 7.90
N PHE A 82 -16.10 14.07 6.77
CA PHE A 82 -14.69 13.73 6.76
C PHE A 82 -13.86 14.46 5.71
N SER A 83 -12.55 14.44 5.92
CA SER A 83 -11.61 15.08 5.02
C SER A 83 -10.26 14.38 5.17
N ILE A 84 -9.70 13.91 4.06
CA ILE A 84 -8.42 13.22 4.12
C ILE A 84 -7.38 13.87 3.23
N GLN A 85 -6.11 13.70 3.60
CA GLN A 85 -4.99 14.27 2.86
C GLN A 85 -3.94 13.21 2.58
N TYR A 86 -3.50 13.16 1.33
CA TYR A 86 -2.47 12.21 0.94
C TYR A 86 -1.22 12.99 0.57
N GLY A 87 -1.22 14.27 0.91
CA GLY A 87 -0.07 15.12 0.66
C GLY A 87 -0.15 16.07 -0.52
N THR A 88 -1.16 15.91 -1.37
CA THR A 88 -1.28 16.77 -2.53
C THR A 88 -2.70 17.30 -2.75
N GLY A 89 -3.42 17.54 -1.65
CA GLY A 89 -4.77 18.04 -1.77
C GLY A 89 -5.74 17.22 -0.95
N SER A 90 -6.76 17.88 -0.43
CA SER A 90 -7.75 17.21 0.40
C SER A 90 -8.91 16.62 -0.38
N LEU A 91 -9.48 15.57 0.20
CA LEU A 91 -10.60 14.85 -0.38
C LEU A 91 -11.64 14.86 0.75
N SER A 92 -12.84 15.37 0.50
CA SER A 92 -13.84 15.45 1.55
C SER A 92 -15.19 14.84 1.21
N GLY A 93 -15.94 14.51 2.25
CA GLY A 93 -17.25 13.93 2.08
C GLY A 93 -17.85 13.68 3.45
N ILE A 94 -18.74 12.69 3.55
CA ILE A 94 -19.32 12.38 4.84
C ILE A 94 -18.97 10.93 5.16
N ILE A 95 -19.14 10.56 6.43
CA ILE A 95 -18.84 9.21 6.87
C ILE A 95 -20.10 8.37 6.89
N GLY A 96 -19.98 7.15 6.41
CA GLY A 96 -21.11 6.24 6.39
C GLY A 96 -20.76 4.94 7.08
N ALA A 97 -21.77 4.15 7.41
CA ALA A 97 -21.58 2.86 8.05
C ALA A 97 -22.44 1.84 7.33
N ASP A 98 -21.89 0.66 7.13
CA ASP A 98 -22.59 -0.41 6.43
C ASP A 98 -21.73 -1.66 6.48
N GLN A 99 -22.21 -2.74 5.91
CA GLN A 99 -21.46 -4.00 5.89
C GLN A 99 -20.49 -3.96 4.73
N VAL A 100 -19.23 -4.25 5.02
CA VAL A 100 -18.18 -4.27 4.02
C VAL A 100 -17.64 -5.67 3.92
N SER A 101 -17.61 -6.21 2.69
CA SER A 101 -17.14 -7.57 2.45
C SER A 101 -15.83 -7.61 1.68
N VAL A 102 -14.93 -8.45 2.16
CA VAL A 102 -13.62 -8.64 1.55
C VAL A 102 -13.40 -10.14 1.44
N GLU A 103 -13.67 -10.68 0.25
CA GLU A 103 -13.53 -12.11 -0.06
C GLU A 103 -13.58 -13.09 1.11
N GLY A 104 -14.79 -13.48 1.49
CA GLY A 104 -14.95 -14.44 2.57
C GLY A 104 -15.36 -13.85 3.90
N LEU A 105 -14.92 -12.62 4.17
CA LEU A 105 -15.25 -11.98 5.42
C LEU A 105 -16.18 -10.79 5.21
N THR A 106 -17.03 -10.54 6.20
CA THR A 106 -17.95 -9.42 6.14
C THR A 106 -17.94 -8.71 7.48
N VAL A 107 -17.52 -7.45 7.45
CA VAL A 107 -17.46 -6.62 8.65
C VAL A 107 -18.76 -5.84 8.72
N VAL A 108 -19.46 -5.92 9.85
CA VAL A 108 -20.71 -5.19 9.99
C VAL A 108 -20.46 -3.88 10.72
N GLY A 109 -21.20 -2.84 10.33
CA GLY A 109 -21.04 -1.55 10.98
C GLY A 109 -19.76 -0.82 10.64
N GLN A 110 -19.03 -1.29 9.63
CA GLN A 110 -17.79 -0.64 9.24
C GLN A 110 -18.08 0.78 8.76
N GLN A 111 -17.30 1.75 9.24
CA GLN A 111 -17.47 3.14 8.82
C GLN A 111 -16.45 3.42 7.72
N PHE A 112 -16.86 4.25 6.77
CA PHE A 112 -16.01 4.59 5.66
C PHE A 112 -16.41 5.95 5.13
N GLY A 113 -15.57 6.53 4.29
CA GLY A 113 -15.88 7.82 3.72
C GLY A 113 -16.56 7.71 2.37
N GLU A 114 -17.48 8.63 2.12
CA GLU A 114 -18.20 8.71 0.85
C GLU A 114 -17.71 10.06 0.32
N SER A 115 -16.72 10.03 -0.56
CA SER A 115 -16.13 11.27 -1.08
C SER A 115 -17.00 11.99 -2.08
N VAL A 116 -17.06 13.30 -1.94
CA VAL A 116 -17.88 14.15 -2.79
C VAL A 116 -17.08 15.19 -3.57
N THR A 117 -16.12 15.83 -2.91
CA THR A 117 -15.33 16.88 -3.56
C THR A 117 -14.47 16.38 -4.72
N GLU A 118 -14.03 17.33 -5.55
CA GLU A 118 -13.20 17.06 -6.72
C GLU A 118 -12.01 16.17 -6.38
N PRO A 119 -11.98 14.96 -6.98
CA PRO A 119 -10.90 13.98 -6.74
C PRO A 119 -9.67 14.22 -7.59
N GLY A 120 -9.81 15.07 -8.60
CA GLY A 120 -8.70 15.35 -9.50
C GLY A 120 -9.02 14.88 -10.89
N GLN A 121 -8.73 15.72 -11.89
CA GLN A 121 -9.01 15.39 -13.28
C GLN A 121 -8.50 14.01 -13.69
N THR A 122 -7.25 13.70 -13.32
CA THR A 122 -6.65 12.42 -13.68
C THR A 122 -7.36 11.21 -13.07
N PHE A 123 -8.10 11.40 -12.00
CA PHE A 123 -8.81 10.30 -11.38
C PHE A 123 -9.79 9.72 -12.39
N VAL A 124 -10.14 10.52 -13.40
CA VAL A 124 -11.10 10.08 -14.41
C VAL A 124 -10.74 8.73 -15.02
N ASP A 125 -9.45 8.49 -15.21
CA ASP A 125 -9.03 7.22 -15.80
C ASP A 125 -8.33 6.26 -14.84
N ALA A 126 -8.37 6.57 -13.54
CA ALA A 126 -7.76 5.71 -12.54
C ALA A 126 -8.45 4.37 -12.62
N GLU A 127 -7.70 3.28 -12.49
CA GLU A 127 -8.29 1.96 -12.57
C GLU A 127 -8.93 1.49 -11.27
N PHE A 128 -8.92 2.35 -10.25
CA PHE A 128 -9.52 2.00 -8.96
C PHE A 128 -10.59 3.01 -8.58
N ASP A 129 -11.45 2.64 -7.64
CA ASP A 129 -12.52 3.53 -7.20
C ASP A 129 -12.19 4.17 -5.87
N GLY A 130 -11.65 3.37 -4.95
CA GLY A 130 -11.33 3.88 -3.64
C GLY A 130 -10.07 3.26 -3.08
N ILE A 131 -9.84 3.52 -1.80
CA ILE A 131 -8.66 3.01 -1.12
C ILE A 131 -9.08 2.40 0.20
N LEU A 132 -8.43 1.30 0.57
CA LEU A 132 -8.72 0.64 1.83
C LEU A 132 -7.42 0.61 2.62
N GLY A 133 -7.28 1.56 3.55
CA GLY A 133 -6.08 1.65 4.35
C GLY A 133 -5.91 0.53 5.35
N LEU A 134 -4.68 0.03 5.46
CA LEU A 134 -4.36 -1.06 6.36
C LEU A 134 -3.35 -0.67 7.43
N GLY A 135 -3.16 0.65 7.61
CA GLY A 135 -2.23 1.13 8.61
C GLY A 135 -2.87 1.19 9.97
N TYR A 136 -2.19 1.76 10.96
CA TYR A 136 -2.72 1.87 12.31
C TYR A 136 -3.81 2.92 12.46
N PRO A 137 -4.68 2.78 13.48
CA PRO A 137 -5.76 3.73 13.70
C PRO A 137 -5.35 5.18 13.95
N SER A 138 -4.12 5.40 14.44
CA SER A 138 -3.65 6.74 14.71
C SER A 138 -3.56 7.56 13.42
N LEU A 139 -3.52 6.85 12.30
CA LEU A 139 -3.42 7.49 11.00
C LEU A 139 -4.82 7.76 10.42
N ALA A 140 -5.83 7.13 11.01
CA ALA A 140 -7.20 7.29 10.54
C ALA A 140 -7.76 8.67 10.88
N VAL A 141 -8.35 9.32 9.89
CA VAL A 141 -8.93 10.63 10.10
C VAL A 141 -10.32 10.48 10.69
N GLY A 142 -10.66 11.36 11.62
CA GLY A 142 -11.96 11.34 12.26
C GLY A 142 -12.10 10.24 13.30
N GLY A 143 -10.97 9.60 13.64
CA GLY A 143 -11.01 8.54 14.62
C GLY A 143 -11.90 7.39 14.17
N VAL A 144 -11.96 7.17 12.86
CA VAL A 144 -12.77 6.10 12.28
C VAL A 144 -11.98 4.78 12.34
N THR A 145 -12.60 3.74 12.89
CA THR A 145 -11.93 2.45 13.03
C THR A 145 -11.64 1.79 11.69
N PRO A 146 -10.36 1.49 11.41
CA PRO A 146 -9.92 0.86 10.16
C PRO A 146 -10.54 -0.53 9.97
N VAL A 147 -10.68 -0.94 8.72
CA VAL A 147 -11.25 -2.24 8.42
C VAL A 147 -10.58 -3.38 9.19
N PHE A 148 -9.25 -3.47 9.11
CA PHE A 148 -8.56 -4.57 9.80
C PHE A 148 -8.73 -4.56 11.32
N ASP A 149 -8.89 -3.39 11.92
CA ASP A 149 -9.10 -3.32 13.36
C ASP A 149 -10.47 -3.88 13.69
N ASN A 150 -11.43 -3.67 12.80
CA ASN A 150 -12.77 -4.20 13.03
C ASN A 150 -12.74 -5.72 12.85
N MET A 151 -11.92 -6.18 11.90
CA MET A 151 -11.80 -7.62 11.67
C MET A 151 -11.26 -8.29 12.93
N MET A 152 -10.28 -7.66 13.56
CA MET A 152 -9.72 -8.22 14.78
C MET A 152 -10.73 -8.14 15.92
N ALA A 153 -11.39 -6.98 16.04
CA ALA A 153 -12.36 -6.76 17.10
C ALA A 153 -13.57 -7.66 16.93
N GLN A 154 -13.86 -8.05 15.68
CA GLN A 154 -15.00 -8.91 15.40
C GLN A 154 -14.58 -10.39 15.26
N ASN A 155 -13.36 -10.69 15.67
CA ASN A 155 -12.80 -12.05 15.62
C ASN A 155 -12.98 -12.77 14.29
N LEU A 156 -12.70 -12.07 13.19
CA LEU A 156 -12.85 -12.64 11.87
C LEU A 156 -11.57 -13.29 11.39
N VAL A 157 -10.46 -13.00 12.05
CA VAL A 157 -9.17 -13.57 11.66
C VAL A 157 -8.56 -14.43 12.77
N ASP A 158 -7.86 -15.47 12.38
CA ASP A 158 -7.24 -16.41 13.32
C ASP A 158 -5.97 -15.87 13.98
N LEU A 159 -5.28 -14.98 13.28
CA LEU A 159 -4.06 -14.33 13.77
C LEU A 159 -4.18 -12.86 13.41
N PRO A 160 -3.82 -11.97 14.34
CA PRO A 160 -3.88 -10.52 14.14
C PRO A 160 -2.86 -9.99 13.14
N MET A 161 -2.90 -10.52 11.92
CA MET A 161 -1.98 -10.11 10.88
C MET A 161 -2.55 -10.37 9.50
N PHE A 162 -1.91 -9.77 8.51
CA PHE A 162 -2.28 -9.96 7.11
C PHE A 162 -0.96 -9.93 6.36
N SER A 163 -0.93 -10.50 5.15
CA SER A 163 0.31 -10.50 4.41
C SER A 163 0.05 -10.25 2.94
N VAL A 164 1.07 -9.75 2.24
CA VAL A 164 0.94 -9.42 0.84
C VAL A 164 1.96 -10.07 -0.07
N TYR A 165 1.45 -10.63 -1.16
CA TYR A 165 2.31 -11.25 -2.15
C TYR A 165 2.03 -10.54 -3.46
N MET A 166 3.06 -9.90 -4.01
CA MET A 166 2.92 -9.20 -5.27
C MET A 166 3.78 -9.91 -6.29
N SER A 167 3.12 -10.50 -7.28
CA SER A 167 3.79 -11.25 -8.33
C SER A 167 4.38 -10.33 -9.38
N SER A 168 5.63 -10.61 -9.76
CA SER A 168 6.32 -9.83 -10.77
C SER A 168 5.90 -10.29 -12.17
N ASN A 169 5.57 -11.57 -12.29
CA ASN A 169 5.14 -12.15 -13.56
C ASN A 169 3.66 -12.51 -13.46
N PRO A 170 2.96 -12.57 -14.60
CA PRO A 170 3.48 -12.31 -15.95
C PRO A 170 3.82 -10.83 -16.16
N GLY A 173 1.02 -10.28 -12.89
CA GLY A 173 0.72 -10.29 -11.47
C GLY A 173 -0.47 -11.18 -11.15
N ALA A 174 -0.60 -12.26 -11.91
CA ALA A 174 -1.70 -13.22 -11.75
C ALA A 174 -1.89 -13.74 -10.32
N GLY A 175 -0.88 -14.43 -9.80
CA GLY A 175 -0.97 -14.98 -8.46
C GLY A 175 -0.87 -14.02 -7.29
N SER A 176 -0.83 -12.71 -7.56
CA SER A 176 -0.72 -11.73 -6.48
C SER A 176 -1.91 -11.81 -5.54
N GLU A 177 -1.64 -11.82 -4.24
CA GLU A 177 -2.74 -11.91 -3.29
C GLU A 177 -2.44 -11.29 -1.93
N LEU A 178 -3.52 -10.90 -1.28
CA LEU A 178 -3.49 -10.30 0.05
C LEU A 178 -4.12 -11.35 0.96
N ILE A 179 -3.53 -11.60 2.11
CA ILE A 179 -4.08 -12.59 3.02
C ILE A 179 -4.38 -12.02 4.40
N PHE A 180 -5.65 -12.09 4.80
CA PHE A 180 -6.07 -11.60 6.10
C PHE A 180 -6.12 -12.77 7.07
N GLY A 181 -5.42 -12.65 8.20
CA GLY A 181 -5.44 -13.71 9.17
C GLY A 181 -4.26 -14.64 9.16
N GLY A 182 -3.27 -14.35 8.33
CA GLY A 182 -2.10 -15.20 8.27
C GLY A 182 -1.25 -14.94 7.04
N TYR A 183 -0.40 -15.91 6.71
CA TYR A 183 0.46 -15.83 5.53
C TYR A 183 0.59 -17.20 4.87
N ASP A 184 1.07 -17.20 3.64
CA ASP A 184 1.23 -18.43 2.87
C ASP A 184 2.71 -18.72 2.67
N HIS A 185 3.21 -19.78 3.29
CA HIS A 185 4.64 -20.10 3.17
C HIS A 185 5.07 -20.54 1.77
N SER A 186 4.12 -20.69 0.86
CA SER A 186 4.46 -21.09 -0.51
C SER A 186 4.87 -19.88 -1.33
N HIS A 187 4.75 -18.69 -0.75
CA HIS A 187 5.12 -17.45 -1.42
C HIS A 187 6.47 -16.93 -1.00
N PHE A 188 7.13 -17.63 -0.08
CA PHE A 188 8.44 -17.18 0.37
C PHE A 188 9.34 -18.32 0.82
N SER A 189 10.64 -18.17 0.56
CA SER A 189 11.61 -19.18 0.93
C SER A 189 12.26 -18.81 2.25
N GLY A 190 12.70 -19.84 2.98
CA GLY A 190 13.33 -19.62 4.26
C GLY A 190 12.34 -19.18 5.31
N SER A 191 12.87 -18.78 6.47
CA SER A 191 12.04 -18.33 7.57
C SER A 191 11.85 -16.81 7.52
N LEU A 192 10.78 -16.32 8.13
CA LEU A 192 10.49 -14.89 8.14
C LEU A 192 11.42 -14.10 9.07
N ASN A 193 11.89 -12.95 8.58
CA ASN A 193 12.74 -12.09 9.38
C ASN A 193 11.80 -11.03 9.94
N TRP A 194 11.78 -10.89 11.27
CA TRP A 194 10.91 -9.91 11.91
C TRP A 194 11.61 -8.60 12.20
N VAL A 195 10.87 -7.52 11.98
CA VAL A 195 11.35 -6.16 12.17
C VAL A 195 10.33 -5.45 13.03
N PRO A 196 10.78 -4.80 14.11
CA PRO A 196 9.81 -4.11 14.97
C PRO A 196 9.29 -2.82 14.35
N VAL A 197 8.03 -2.52 14.60
CA VAL A 197 7.41 -1.29 14.11
C VAL A 197 7.88 -0.25 15.11
N THR A 198 8.52 0.81 14.60
CA THR A 198 9.08 1.86 15.44
C THR A 198 8.12 2.94 15.85
N LYS A 199 7.13 3.22 15.01
CA LYS A 199 6.13 4.24 15.28
C LYS A 199 4.83 3.71 14.70
N GLN A 200 3.84 3.48 15.57
CA GLN A 200 2.55 2.93 15.14
C GLN A 200 1.57 3.91 14.51
N ALA A 201 1.74 4.11 13.20
CA ALA A 201 0.89 4.99 12.38
C ALA A 201 0.98 4.28 11.03
N TYR A 202 2.08 4.49 10.34
CA TYR A 202 2.33 3.77 9.09
C TYR A 202 2.98 2.51 9.63
N TRP A 203 3.31 1.57 8.77
CA TRP A 203 4.03 0.41 9.24
C TRP A 203 5.46 0.90 9.09
N GLN A 204 5.89 1.68 10.08
CA GLN A 204 7.21 2.31 10.10
C GLN A 204 8.26 1.44 10.77
N ILE A 205 9.42 1.36 10.12
CA ILE A 205 10.53 0.57 10.61
C ILE A 205 11.83 1.38 10.52
N ALA A 206 12.92 0.81 11.01
CA ALA A 206 14.22 1.48 10.98
C ALA A 206 15.18 0.80 10.03
N LEU A 207 15.90 1.61 9.25
CA LEU A 207 16.90 1.09 8.33
C LEU A 207 18.27 1.30 9.00
N ASP A 208 19.13 0.30 8.92
CA ASP A 208 20.46 0.43 9.51
C ASP A 208 21.29 1.28 8.57
N ASN A 209 21.15 1.00 7.27
CA ASN A 209 21.87 1.73 6.24
C ASN A 209 21.45 1.20 4.87
N ILE A 210 21.74 1.98 3.84
CA ILE A 210 21.44 1.60 2.47
C ILE A 210 22.77 1.64 1.74
N GLN A 211 23.10 0.56 1.03
CA GLN A 211 24.36 0.54 0.32
C GLN A 211 24.21 0.21 -1.15
N VAL A 212 25.15 0.72 -1.94
CA VAL A 212 25.19 0.47 -3.38
C VAL A 212 26.53 -0.21 -3.64
N GLY A 213 26.52 -1.20 -4.52
CA GLY A 213 27.75 -1.91 -4.81
C GLY A 213 28.44 -2.39 -3.55
N GLY A 214 27.67 -2.88 -2.59
CA GLY A 214 28.23 -3.39 -1.35
C GLY A 214 28.89 -2.36 -0.46
N THR A 215 28.63 -1.09 -0.70
CA THR A 215 29.22 -0.03 0.11
C THR A 215 28.15 0.93 0.63
N VAL A 216 28.16 1.18 1.93
CA VAL A 216 27.19 2.07 2.57
C VAL A 216 27.25 3.44 1.89
N MET A 217 26.09 3.94 1.50
CA MET A 217 26.04 5.23 0.84
C MET A 217 24.99 6.17 1.42
N PHE A 218 23.99 5.61 2.09
CA PHE A 218 22.95 6.43 2.70
C PHE A 218 22.54 5.87 4.06
N CYS A 219 21.97 6.72 4.89
CA CYS A 219 21.49 6.30 6.21
C CYS A 219 22.55 5.51 6.94
N SER A 220 23.81 5.92 6.77
CA SER A 220 24.93 5.24 7.41
C SER A 220 24.71 5.13 8.91
N GLU A 221 24.00 6.10 9.46
CA GLU A 221 23.71 6.13 10.88
C GLU A 221 22.25 5.75 11.15
N GLY A 222 21.62 5.14 10.15
CA GLY A 222 20.24 4.72 10.29
C GLY A 222 19.22 5.81 10.01
N CYS A 223 18.07 5.40 9.51
CA CYS A 223 16.98 6.32 9.20
C CYS A 223 15.66 5.56 9.25
N GLN A 224 14.55 6.29 9.19
CA GLN A 224 13.24 5.66 9.25
C GLN A 224 12.63 5.40 7.87
N ALA A 225 11.85 4.32 7.77
CA ALA A 225 11.17 3.96 6.53
C ALA A 225 9.82 3.31 6.83
N ILE A 226 9.00 3.13 5.80
CA ILE A 226 7.71 2.50 5.95
C ILE A 226 7.51 1.52 4.81
N VAL A 227 6.80 0.43 5.09
CA VAL A 227 6.51 -0.59 4.08
C VAL A 227 5.11 -0.25 3.60
N ASP A 228 5.03 0.32 2.40
CA ASP A 228 3.76 0.78 1.85
C ASP A 228 3.30 0.16 0.53
N THR A 229 2.26 -0.66 0.61
CA THR A 229 1.71 -1.32 -0.55
C THR A 229 1.06 -0.32 -1.50
N GLY A 230 0.71 0.85 -0.99
CA GLY A 230 0.09 1.88 -1.82
C GLY A 230 1.06 2.69 -2.65
N THR A 231 2.35 2.48 -2.41
CA THR A 231 3.38 3.18 -3.18
C THR A 231 3.98 2.20 -4.19
N SER A 232 4.00 2.62 -5.45
CA SER A 232 4.50 1.79 -6.54
C SER A 232 6.00 1.50 -6.50
N LEU A 233 6.80 2.53 -6.34
CA LEU A 233 8.24 2.37 -6.34
C LEU A 233 8.84 2.41 -4.94
N ILE A 234 10.15 2.60 -4.88
CA ILE A 234 10.84 2.74 -3.61
C ILE A 234 11.17 4.23 -3.61
N THR A 235 10.68 4.96 -2.62
CA THR A 235 10.96 6.39 -2.57
C THR A 235 11.87 6.78 -1.42
N GLY A 236 12.32 8.03 -1.46
CA GLY A 236 13.18 8.54 -0.43
C GLY A 236 13.36 10.02 -0.64
N PRO A 237 14.08 10.72 0.25
CA PRO A 237 14.29 12.16 0.08
C PRO A 237 14.81 12.39 -1.33
N SER A 238 14.14 13.28 -2.05
CA SER A 238 14.49 13.59 -3.43
C SER A 238 15.98 13.76 -3.70
N ASP A 239 16.69 14.44 -2.80
CA ASP A 239 18.13 14.66 -3.00
C ASP A 239 18.92 13.36 -2.96
N LYS A 240 18.61 12.49 -1.99
CA LYS A 240 19.30 11.21 -1.86
C LYS A 240 19.02 10.35 -3.10
N ILE A 241 17.79 10.40 -3.59
CA ILE A 241 17.41 9.61 -4.76
C ILE A 241 18.21 10.00 -5.99
N LYS A 242 18.43 11.29 -6.19
CA LYS A 242 19.22 11.74 -7.34
C LYS A 242 20.60 11.09 -7.24
N GLN A 243 21.19 11.14 -6.05
CA GLN A 243 22.50 10.53 -5.83
C GLN A 243 22.43 9.03 -6.12
N LEU A 244 21.29 8.43 -5.80
CA LEU A 244 21.10 7.00 -6.02
C LEU A 244 20.88 6.70 -7.51
N GLN A 245 20.18 7.60 -8.18
CA GLN A 245 19.89 7.44 -9.60
C GLN A 245 21.17 7.35 -10.44
N ASN A 246 22.07 8.32 -10.30
CA ASN A 246 23.30 8.29 -11.08
C ASN A 246 24.32 7.28 -10.58
N ALA A 247 24.15 6.81 -9.35
CA ALA A 247 25.06 5.81 -8.80
C ALA A 247 24.77 4.46 -9.44
N ILE A 248 23.50 4.23 -9.78
CA ILE A 248 23.10 2.97 -10.41
C ILE A 248 23.20 3.09 -11.92
N GLY A 249 23.22 4.33 -12.42
CA GLY A 249 23.33 4.55 -13.85
C GLY A 249 22.05 5.02 -14.52
N ALA A 250 21.15 5.61 -13.76
CA ALA A 250 19.89 6.10 -14.32
C ALA A 250 20.07 7.52 -14.83
N ALA A 251 19.25 7.91 -15.79
CA ALA A 251 19.34 9.24 -16.37
C ALA A 251 17.98 9.90 -16.54
N PRO A 252 17.91 11.21 -16.32
CA PRO A 252 16.65 11.96 -16.44
C PRO A 252 16.12 11.91 -17.88
N VAL A 253 14.81 11.94 -18.01
CA VAL A 253 14.16 11.93 -19.32
C VAL A 253 13.03 12.96 -19.31
N ASP A 254 11.86 12.58 -19.80
CA ASP A 254 10.72 13.49 -19.84
C ASP A 254 10.37 13.88 -18.40
N GLY A 255 10.26 12.87 -17.54
CA GLY A 255 9.92 13.11 -16.15
C GLY A 255 10.31 11.94 -15.27
N GLU A 256 10.76 10.85 -15.88
CA GLU A 256 11.18 9.67 -15.16
C GLU A 256 12.66 9.39 -15.41
N TYR A 257 13.23 8.44 -14.68
CA TYR A 257 14.63 8.09 -14.85
C TYR A 257 14.74 6.78 -15.62
N ALA A 258 15.39 6.83 -16.77
CA ALA A 258 15.55 5.64 -17.61
C ALA A 258 16.94 5.04 -17.46
N VAL A 259 17.07 3.78 -17.86
CA VAL A 259 18.34 3.07 -17.80
C VAL A 259 18.48 2.23 -19.06
N GLU A 260 19.70 2.13 -19.59
CA GLU A 260 19.92 1.34 -20.78
C GLU A 260 19.79 -0.13 -20.41
N CYS A 261 18.76 -0.79 -20.96
CA CYS A 261 18.49 -2.20 -20.67
C CYS A 261 19.73 -3.08 -20.81
N ALA A 262 20.60 -2.74 -21.75
CA ALA A 262 21.82 -3.51 -22.01
C ALA A 262 22.78 -3.60 -20.82
N ASN A 263 23.04 -2.46 -20.19
CA ASN A 263 23.97 -2.40 -19.06
C ASN A 263 23.38 -2.93 -17.76
N LEU A 264 22.35 -3.76 -17.86
CA LEU A 264 21.71 -4.31 -16.69
C LEU A 264 22.67 -5.16 -15.87
N ASN A 265 23.43 -6.02 -16.55
CA ASN A 265 24.37 -6.91 -15.86
C ASN A 265 25.63 -6.22 -15.35
N VAL A 266 25.78 -4.93 -15.68
CA VAL A 266 26.96 -4.19 -15.23
C VAL A 266 26.59 -3.16 -14.17
N MET A 267 25.31 -3.14 -13.78
CA MET A 267 24.83 -2.22 -12.77
C MET A 267 25.00 -2.82 -11.37
N PRO A 268 25.14 -1.95 -10.36
CA PRO A 268 25.32 -2.36 -8.95
C PRO A 268 24.07 -2.77 -8.18
N ASP A 269 24.28 -3.58 -7.15
CA ASP A 269 23.20 -4.03 -6.29
C ASP A 269 22.87 -2.93 -5.29
N VAL A 270 21.59 -2.80 -4.96
CA VAL A 270 21.14 -1.82 -3.99
C VAL A 270 20.67 -2.61 -2.78
N THR A 271 21.36 -2.42 -1.65
CA THR A 271 20.98 -3.15 -0.45
C THR A 271 20.48 -2.30 0.72
N PHE A 272 19.35 -2.73 1.27
CA PHE A 272 18.72 -2.10 2.39
C PHE A 272 18.95 -3.03 3.57
N THR A 273 19.66 -2.54 4.58
CA THR A 273 19.95 -3.36 5.76
C THR A 273 18.90 -3.06 6.84
N ILE A 274 18.08 -4.05 7.11
CA ILE A 274 17.01 -3.90 8.09
C ILE A 274 17.17 -4.85 9.25
N ASN A 275 17.30 -4.29 10.45
CA ASN A 275 17.45 -5.08 11.67
C ASN A 275 18.65 -6.02 11.54
N GLY A 276 19.70 -5.52 10.90
CA GLY A 276 20.92 -6.29 10.72
C GLY A 276 20.92 -7.26 9.55
N VAL A 277 19.81 -7.36 8.85
CA VAL A 277 19.69 -8.27 7.71
C VAL A 277 19.75 -7.51 6.39
N PRO A 278 20.47 -8.06 5.41
CA PRO A 278 20.59 -7.41 4.10
C PRO A 278 19.45 -7.77 3.17
N TYR A 279 18.82 -6.76 2.60
CA TYR A 279 17.73 -6.96 1.64
C TYR A 279 18.24 -6.38 0.33
N THR A 280 18.83 -7.26 -0.46
CA THR A 280 19.44 -6.87 -1.73
C THR A 280 18.54 -6.94 -2.94
N LEU A 281 18.60 -5.87 -3.73
CA LEU A 281 17.83 -5.75 -4.96
C LEU A 281 18.81 -5.68 -6.13
N SER A 282 18.79 -6.70 -6.98
CA SER A 282 19.67 -6.69 -8.14
C SER A 282 19.06 -5.68 -9.10
N PRO A 283 19.85 -5.16 -10.05
CA PRO A 283 19.29 -4.20 -10.99
C PRO A 283 18.09 -4.77 -11.75
N THR A 284 17.99 -6.09 -11.77
CA THR A 284 16.88 -6.75 -12.43
C THR A 284 15.62 -6.51 -11.60
N ALA A 285 15.81 -6.43 -10.29
CA ALA A 285 14.73 -6.23 -9.35
C ALA A 285 14.29 -4.78 -9.18
N TYR A 286 15.23 -3.84 -9.33
CA TYR A 286 14.87 -2.43 -9.17
C TYR A 286 14.72 -1.68 -10.48
N THR A 287 14.49 -2.42 -11.56
CA THR A 287 14.33 -1.83 -12.88
C THR A 287 13.00 -2.29 -13.49
N LEU A 288 12.21 -1.32 -13.97
CA LEU A 288 10.92 -1.61 -14.57
C LEU A 288 11.03 -1.80 -16.08
N LEU A 289 10.47 -2.90 -16.59
CA LEU A 289 10.50 -3.19 -18.01
C LEU A 289 9.35 -2.50 -18.73
N ASP A 290 8.43 -1.92 -17.94
CA ASP A 290 7.28 -1.21 -18.48
C ASP A 290 7.65 -0.42 -19.74
N GLN A 296 9.10 -1.84 -23.50
CA GLN A 296 10.25 -2.08 -24.36
C GLN A 296 11.48 -1.33 -23.84
N PHE A 297 11.24 -0.40 -22.91
CA PHE A 297 12.30 0.40 -22.33
C PHE A 297 12.52 0.01 -20.87
N CYS A 298 13.64 0.46 -20.30
CA CYS A 298 13.97 0.15 -18.92
C CYS A 298 14.09 1.45 -18.11
N SER A 299 13.33 1.54 -17.02
CA SER A 299 13.36 2.72 -16.18
C SER A 299 13.66 2.38 -14.72
N SER A 300 13.98 3.41 -13.93
CA SER A 300 14.31 3.24 -12.53
C SER A 300 13.12 2.98 -11.61
N GLY A 301 13.31 2.06 -10.67
CA GLY A 301 12.27 1.73 -9.73
C GLY A 301 12.37 2.60 -8.49
N PHE A 302 13.23 3.62 -8.56
CA PHE A 302 13.44 4.54 -7.44
C PHE A 302 12.92 5.91 -7.84
N GLN A 303 12.39 6.64 -6.87
CA GLN A 303 11.87 7.98 -7.14
C GLN A 303 11.89 8.85 -5.90
N GLY A 304 12.07 10.14 -6.11
CA GLY A 304 12.10 11.07 -5.00
C GLY A 304 10.71 11.40 -4.50
N LEU A 305 10.57 11.48 -3.18
CA LEU A 305 9.30 11.80 -2.56
C LEU A 305 9.62 12.26 -1.15
N ASP A 306 9.53 13.58 -0.95
CA ASP A 306 9.83 14.18 0.35
C ASP A 306 8.63 14.31 1.28
N ILE A 307 8.63 13.50 2.33
CA ILE A 307 7.56 13.53 3.31
C ILE A 307 7.95 14.60 4.33
N HIS A 308 7.09 15.58 4.54
CA HIS A 308 7.39 16.66 5.47
C HIS A 308 7.37 16.27 6.93
N PRO A 309 8.22 16.92 7.74
CA PRO A 309 8.25 16.61 9.16
C PRO A 309 6.90 17.05 9.74
N PRO A 310 6.55 16.57 10.95
CA PRO A 310 7.37 15.65 11.75
C PRO A 310 7.34 14.19 11.28
N ALA A 311 6.43 13.87 10.37
CA ALA A 311 6.30 12.50 9.86
C ALA A 311 7.53 12.04 9.08
N GLY A 312 7.96 12.88 8.14
CA GLY A 312 9.14 12.55 7.35
C GLY A 312 10.37 13.17 7.98
N PRO A 313 11.55 13.07 7.34
CA PRO A 313 11.76 12.42 6.05
C PRO A 313 11.63 10.91 6.18
N LEU A 314 11.22 10.25 5.10
CA LEU A 314 11.07 8.81 5.12
C LEU A 314 11.50 8.17 3.80
N TRP A 315 11.85 6.89 3.88
CA TRP A 315 12.18 6.12 2.71
C TRP A 315 10.96 5.21 2.63
N ILE A 316 10.47 4.95 1.42
CA ILE A 316 9.30 4.10 1.29
C ILE A 316 9.58 2.86 0.47
N LEU A 317 9.42 1.71 1.13
CA LEU A 317 9.63 0.43 0.48
C LEU A 317 8.28 0.06 -0.12
N GLY A 318 8.09 0.45 -1.38
CA GLY A 318 6.86 0.19 -2.08
C GLY A 318 6.80 -1.16 -2.78
N ASP A 319 5.93 -1.26 -3.77
CA ASP A 319 5.74 -2.50 -4.51
C ASP A 319 7.02 -3.08 -5.08
N VAL A 320 7.91 -2.23 -5.57
CA VAL A 320 9.19 -2.69 -6.11
C VAL A 320 9.93 -3.55 -5.08
N PHE A 321 9.82 -3.18 -3.81
CA PHE A 321 10.49 -3.92 -2.75
C PHE A 321 9.68 -5.16 -2.37
N ILE A 322 8.38 -4.98 -2.18
CA ILE A 322 7.51 -6.07 -1.79
C ILE A 322 7.51 -7.19 -2.81
N ARG A 323 7.66 -6.87 -4.10
CA ARG A 323 7.70 -7.91 -5.12
C ARG A 323 8.90 -8.83 -4.87
N GLN A 324 9.99 -8.25 -4.36
CA GLN A 324 11.18 -9.03 -4.07
C GLN A 324 11.09 -9.68 -2.69
N PHE A 325 10.34 -9.07 -1.78
CA PHE A 325 10.21 -9.62 -0.43
C PHE A 325 8.81 -9.69 0.14
N TYR A 326 8.29 -10.92 0.19
CA TYR A 326 6.97 -11.17 0.76
C TYR A 326 6.93 -10.42 2.08
N SER A 327 5.84 -9.70 2.34
CA SER A 327 5.73 -8.93 3.57
C SER A 327 4.58 -9.36 4.45
N VAL A 328 4.84 -9.45 5.75
CA VAL A 328 3.82 -9.83 6.72
C VAL A 328 3.65 -8.68 7.72
N PHE A 329 2.40 -8.26 7.92
CA PHE A 329 2.10 -7.17 8.83
C PHE A 329 1.36 -7.73 10.04
N ASP A 330 2.06 -7.76 11.17
CA ASP A 330 1.54 -8.33 12.41
C ASP A 330 1.16 -7.31 13.49
N ARG A 331 -0.13 -7.05 13.66
CA ARG A 331 -0.62 -6.11 14.66
C ARG A 331 -0.53 -6.70 16.07
N GLY A 332 -0.52 -8.03 16.15
CA GLY A 332 -0.46 -8.68 17.45
C GLY A 332 0.84 -8.43 18.17
N ASN A 333 1.94 -8.38 17.43
CA ASN A 333 3.27 -8.15 18.02
C ASN A 333 3.91 -6.87 17.50
N ASN A 334 3.15 -6.12 16.69
CA ASN A 334 3.61 -4.85 16.11
C ASN A 334 4.97 -4.99 15.41
N ARG A 335 5.01 -5.84 14.39
CA ARG A 335 6.24 -6.08 13.67
C ARG A 335 5.98 -6.41 12.20
N VAL A 336 7.04 -6.40 11.40
CA VAL A 336 6.94 -6.73 10.00
C VAL A 336 7.82 -7.94 9.70
N GLY A 337 7.28 -8.87 8.92
CA GLY A 337 8.03 -10.07 8.54
C GLY A 337 8.40 -9.97 7.08
N LEU A 338 9.66 -10.26 6.76
CA LEU A 338 10.14 -10.21 5.39
C LEU A 338 10.94 -11.47 5.07
N ALA A 339 10.87 -11.88 3.82
CA ALA A 339 11.58 -13.07 3.35
C ALA A 339 11.51 -13.05 1.83
N PRO A 340 12.50 -13.64 1.16
CA PRO A 340 12.53 -13.67 -0.30
C PRO A 340 11.24 -14.27 -0.86
N ALA A 341 10.62 -13.54 -1.80
CA ALA A 341 9.38 -14.01 -2.42
C ALA A 341 9.66 -15.19 -3.35
N VAL A 342 8.60 -15.93 -3.70
CA VAL A 342 8.72 -17.09 -4.59
C VAL A 342 7.64 -17.02 -5.67
N GLY B 1 -7.26 -23.41 11.30
CA GLY B 1 -6.76 -22.13 10.81
C GLY B 1 -7.13 -21.93 9.36
N SER B 2 -7.79 -20.82 9.08
CA SER B 2 -8.22 -20.52 7.73
C SER B 2 -7.57 -19.24 7.23
N LEU B 3 -7.28 -19.22 5.92
CA LEU B 3 -6.66 -18.06 5.31
C LEU B 3 -7.69 -17.41 4.39
N HIS B 4 -7.87 -16.12 4.57
CA HIS B 4 -8.81 -15.37 3.75
C HIS B 4 -8.03 -14.62 2.69
N ARG B 5 -8.03 -15.20 1.50
CA ARG B 5 -7.30 -14.69 0.34
C ARG B 5 -8.08 -13.68 -0.48
N VAL B 6 -7.38 -12.62 -0.84
CA VAL B 6 -7.94 -11.54 -1.63
C VAL B 6 -7.04 -11.36 -2.86
N PRO B 7 -7.52 -11.82 -4.03
CA PRO B 7 -6.76 -11.71 -5.28
C PRO B 7 -6.48 -10.25 -5.63
N LEU B 8 -5.28 -10.00 -6.16
CA LEU B 8 -4.88 -8.65 -6.56
C LEU B 8 -4.41 -8.73 -8.01
N ARG B 9 -4.66 -7.67 -8.79
CA ARG B 9 -4.26 -7.66 -10.19
C ARG B 9 -3.54 -6.36 -10.54
N PRO C 19 -20.83 -28.36 17.31
CA PRO C 19 -20.24 -27.92 16.02
C PRO C 19 -18.80 -28.40 15.86
N ALA C 20 -18.38 -28.59 14.61
CA ALA C 20 -17.02 -29.04 14.32
C ALA C 20 -16.05 -27.95 14.76
N MET C 21 -14.86 -28.35 15.20
CA MET C 21 -13.89 -27.36 15.60
C MET C 21 -13.09 -26.97 14.36
N ALA C 22 -13.08 -25.67 14.07
CA ALA C 22 -12.41 -25.12 12.91
C ALA C 22 -10.88 -25.23 12.89
N MET C 23 -10.33 -25.15 11.68
CA MET C 23 -8.89 -25.20 11.50
C MET C 23 -8.47 -23.85 10.94
#